data_4BN6
#
_entry.id   4BN6
#
_cell.length_a   54.020
_cell.length_b   121.605
_cell.length_c   68.689
_cell.angle_alpha   90.00
_cell.angle_beta   90.00
_cell.angle_gamma   90.00
#
_symmetry.space_group_name_H-M   'C 2 2 21'
#
loop_
_entity.id
_entity.type
_entity.pdbx_description
1 polymer 'COPPER INDUCED NITROREDUCTASE D'
2 non-polymer 'FLAVIN MONONUCLEOTIDE'
3 non-polymer CHLORAMPHENICOL
4 water water
#
_entity_poly.entity_id   1
_entity_poly.type   'polypeptide(L)'
_entity_poly.pdbx_seq_one_letter_code
;SFIKSLENRRTIYALGRNVQDEEKVIETIKEAVRFSPTAFNSQTGRLLILTGDAQDKLWDEIVAPELKAAMEAQGVPESA
WDNTRAKLDGFKAAFGTILFFEDQAVVKNLQEQFALYADNFPVWSEQGSGIISVNVWTALAELGLGANLQHYNPLIDEAV
AKEWNLPESWKLRGQLVFGSIEAPAGEKTFMDDADRFIVAK
;
_entity_poly.pdbx_strand_id   A
#
loop_
_chem_comp.id
_chem_comp.type
_chem_comp.name
_chem_comp.formula
CLM non-polymer CHLORAMPHENICOL 'C11 H12 Cl2 N2 O5'
FMN non-polymer 'FLAVIN MONONUCLEOTIDE' 'C17 H21 N4 O9 P'
#
# COMPACT_ATOMS: atom_id res chain seq x y z
N SER A 1 -7.04 22.33 -2.30
CA SER A 1 -8.25 21.68 -1.81
C SER A 1 -7.95 20.23 -1.44
N PHE A 2 -8.14 19.89 -0.17
CA PHE A 2 -8.00 18.51 0.27
C PHE A 2 -9.01 17.59 -0.43
N ILE A 3 -10.25 18.02 -0.57
CA ILE A 3 -11.25 17.19 -1.24
C ILE A 3 -10.84 16.93 -2.68
N LYS A 4 -10.34 17.96 -3.37
CA LYS A 4 -9.85 17.79 -4.73
C LYS A 4 -8.69 16.79 -4.77
N SER A 5 -7.80 16.84 -3.78
CA SER A 5 -6.69 15.90 -3.71
C SER A 5 -7.24 14.48 -3.60
N LEU A 6 -8.26 14.29 -2.78
CA LEU A 6 -8.88 12.98 -2.66
C LEU A 6 -9.48 12.53 -3.99
N GLU A 7 -10.18 13.42 -4.67
CA GLU A 7 -10.84 13.08 -5.91
C GLU A 7 -9.82 12.70 -6.97
N ASN A 8 -8.65 13.34 -6.93
CA ASN A 8 -7.60 13.12 -7.93
CA ASN A 8 -7.59 13.12 -7.92
C ASN A 8 -6.93 11.75 -7.83
N ARG A 9 -7.01 11.12 -6.67
CA ARG A 9 -6.45 9.78 -6.47
C ARG A 9 -7.37 8.76 -7.11
N ARG A 10 -6.81 7.93 -8.00
CA ARG A 10 -7.58 6.88 -8.66
C ARG A 10 -6.71 5.66 -8.87
N THR A 11 -7.37 4.53 -9.10
CA THR A 11 -6.70 3.30 -9.51
C THR A 11 -6.29 3.43 -10.97
N ILE A 12 -4.98 3.40 -11.20
CA ILE A 12 -4.39 3.48 -12.52
C ILE A 12 -3.60 2.20 -12.78
N TYR A 13 -4.08 1.40 -13.73
CA TYR A 13 -3.43 0.14 -14.05
C TYR A 13 -2.33 0.29 -15.09
N ALA A 14 -2.48 1.29 -15.98
CA ALA A 14 -1.51 1.50 -17.04
C ALA A 14 -0.43 2.44 -16.54
N LEU A 15 0.66 1.83 -16.10
CA LEU A 15 1.73 2.59 -15.44
C LEU A 15 3.06 2.41 -16.18
N GLY A 16 3.86 3.47 -16.16
CA GLY A 16 5.19 3.45 -16.77
C GLY A 16 6.27 3.96 -15.83
N ARG A 17 7.43 4.25 -16.40
CA ARG A 17 8.61 4.60 -15.61
C ARG A 17 9.09 6.02 -15.90
N ASN A 18 8.19 6.84 -16.44
CA ASN A 18 8.48 8.23 -16.76
C ASN A 18 8.36 9.09 -15.50
N VAL A 19 9.24 8.82 -14.54
CA VAL A 19 9.24 9.47 -13.24
C VAL A 19 10.47 10.36 -13.15
N GLN A 20 10.25 11.65 -12.90
CA GLN A 20 11.27 12.66 -13.05
C GLN A 20 12.19 12.80 -11.84
N ASP A 21 11.64 12.67 -10.62
CA ASP A 21 12.40 12.97 -9.41
C ASP A 21 12.12 11.91 -8.34
N GLU A 22 12.81 10.78 -8.43
CA GLU A 22 12.56 9.67 -7.52
C GLU A 22 12.83 10.03 -6.07
N GLU A 23 13.79 10.92 -5.84
CA GLU A 23 14.09 11.32 -4.47
C GLU A 23 12.89 12.03 -3.87
N LYS A 24 12.25 12.89 -4.65
CA LYS A 24 11.07 13.61 -4.19
C LYS A 24 9.92 12.65 -3.93
N VAL A 25 9.82 11.61 -4.75
CA VAL A 25 8.78 10.61 -4.58
C VAL A 25 8.97 9.87 -3.25
N ILE A 26 10.19 9.44 -2.98
CA ILE A 26 10.51 8.76 -1.72
C ILE A 26 10.21 9.67 -0.53
N GLU A 27 10.62 10.93 -0.62
CA GLU A 27 10.35 11.89 0.45
CA GLU A 27 10.35 11.91 0.44
C GLU A 27 8.85 11.99 0.73
N THR A 28 8.05 12.01 -0.31
CA THR A 28 6.62 12.19 -0.14
C THR A 28 5.97 10.94 0.44
N ILE A 29 6.46 9.77 0.02
CA ILE A 29 5.96 8.51 0.58
C ILE A 29 6.19 8.50 2.09
N LYS A 30 7.40 8.85 2.51
CA LYS A 30 7.73 8.88 3.93
C LYS A 30 6.88 9.87 4.70
N GLU A 31 6.73 11.08 4.16
CA GLU A 31 5.90 12.09 4.82
C GLU A 31 4.45 11.65 4.96
N ALA A 32 3.90 11.00 3.95
CA ALA A 32 2.50 10.60 4.01
C ALA A 32 2.29 9.59 5.13
N VAL A 33 3.25 8.70 5.33
CA VAL A 33 3.19 7.74 6.43
C VAL A 33 3.42 8.45 7.76
N ARG A 34 4.43 9.32 7.79
CA ARG A 34 4.78 10.06 9.01
C ARG A 34 3.60 10.78 9.61
N PHE A 35 2.83 11.45 8.76
CA PHE A 35 1.74 12.29 9.26
C PHE A 35 0.40 11.57 9.33
N SER A 36 0.41 10.24 9.25
CA SER A 36 -0.79 9.43 9.40
C SER A 36 -1.00 9.03 10.86
N PRO A 37 -2.23 9.13 11.35
CA PRO A 37 -2.50 8.72 12.73
C PRO A 37 -2.60 7.20 12.90
N THR A 38 -2.18 6.73 14.08
CA THR A 38 -2.30 5.35 14.50
C THR A 38 -2.68 5.31 15.98
N ALA A 39 -3.40 4.28 16.39
CA ALA A 39 -3.79 4.15 17.78
C ALA A 39 -2.58 4.27 18.72
N PHE A 40 -2.72 5.09 19.76
CA PHE A 40 -1.66 5.29 20.75
C PHE A 40 -0.35 5.80 20.14
N ASN A 41 -0.45 6.40 18.95
CA ASN A 41 0.74 6.80 18.21
C ASN A 41 1.72 5.64 18.07
N SER A 42 1.17 4.44 17.87
CA SER A 42 1.95 3.22 17.81
C SER A 42 2.77 3.06 16.54
N GLN A 43 2.37 3.74 15.47
CA GLN A 43 3.15 3.80 14.25
C GLN A 43 3.58 2.41 13.81
N THR A 44 2.60 1.52 13.64
CA THR A 44 2.89 0.13 13.36
C THR A 44 3.22 -0.17 11.89
N GLY A 45 3.00 0.80 11.00
CA GLY A 45 3.26 0.61 9.59
C GLY A 45 4.75 0.51 9.27
N ARG A 46 5.07 -0.39 8.35
CA ARG A 46 6.43 -0.57 7.85
C ARG A 46 6.37 -0.64 6.33
N LEU A 47 7.35 -0.04 5.66
CA LEU A 47 7.36 -0.04 4.19
C LEU A 47 8.65 -0.58 3.61
N LEU A 48 8.49 -1.39 2.57
CA LEU A 48 9.58 -1.73 1.68
C LEU A 48 9.28 -1.10 0.32
N ILE A 49 10.16 -0.21 -0.12
CA ILE A 49 9.95 0.53 -1.36
C ILE A 49 10.94 0.03 -2.40
N LEU A 50 10.41 -0.58 -3.47
CA LEU A 50 11.21 -1.19 -4.51
C LEU A 50 11.11 -0.45 -5.84
N THR A 51 12.25 -0.14 -6.43
CA THR A 51 12.31 0.38 -7.79
C THR A 51 13.39 -0.34 -8.58
N GLY A 52 13.48 -0.02 -9.87
CA GLY A 52 14.55 -0.56 -10.70
C GLY A 52 14.65 -2.08 -10.67
N ASP A 53 15.87 -2.58 -10.46
CA ASP A 53 16.10 -4.02 -10.49
C ASP A 53 15.24 -4.77 -9.47
N ALA A 54 14.99 -4.13 -8.33
CA ALA A 54 14.23 -4.78 -7.25
C ALA A 54 12.77 -4.90 -7.65
N GLN A 55 12.28 -3.90 -8.38
CA GLN A 55 10.93 -3.92 -8.93
C GLN A 55 10.79 -5.09 -9.92
N ASP A 56 11.75 -5.24 -10.82
CA ASP A 56 11.73 -6.37 -11.76
C ASP A 56 11.75 -7.70 -11.02
N LYS A 57 12.58 -7.80 -9.99
CA LYS A 57 12.76 -9.05 -9.28
C LYS A 57 11.49 -9.47 -8.55
N LEU A 58 10.83 -8.52 -7.90
CA LEU A 58 9.62 -8.85 -7.17
C LEU A 58 8.62 -9.55 -8.09
N TRP A 59 8.36 -8.97 -9.25
CA TRP A 59 7.29 -9.47 -10.11
C TRP A 59 7.70 -10.69 -10.93
N ASP A 60 8.93 -10.69 -11.43
CA ASP A 60 9.42 -11.81 -12.24
C ASP A 60 9.84 -13.03 -11.44
N GLU A 61 10.52 -12.80 -10.32
CA GLU A 61 11.15 -13.89 -9.58
C GLU A 61 10.38 -14.34 -8.35
N ILE A 62 9.44 -13.52 -7.88
CA ILE A 62 8.67 -13.88 -6.70
C ILE A 62 7.18 -14.04 -6.99
N VAL A 63 6.52 -12.98 -7.44
CA VAL A 63 5.08 -13.05 -7.63
C VAL A 63 4.69 -14.08 -8.71
N ALA A 64 5.32 -14.01 -9.88
CA ALA A 64 4.96 -14.90 -10.98
C ALA A 64 5.07 -16.39 -10.60
N PRO A 65 6.24 -16.83 -10.14
CA PRO A 65 6.36 -18.25 -9.76
C PRO A 65 5.44 -18.66 -8.61
N GLU A 66 5.30 -17.82 -7.59
CA GLU A 66 4.43 -18.15 -6.46
C GLU A 66 2.99 -18.33 -6.95
N LEU A 67 2.53 -17.39 -7.75
CA LEU A 67 1.17 -17.39 -8.27
C LEU A 67 0.90 -18.63 -9.13
N LYS A 68 1.86 -18.99 -9.97
CA LYS A 68 1.75 -20.17 -10.81
C LYS A 68 1.56 -21.41 -9.93
N ALA A 69 2.48 -21.59 -8.99
CA ALA A 69 2.44 -22.74 -8.08
C ALA A 69 1.12 -22.76 -7.31
N ALA A 70 0.66 -21.57 -6.90
CA ALA A 70 -0.59 -21.46 -6.15
C ALA A 70 -1.78 -21.88 -7.00
N MET A 71 -1.82 -21.40 -8.24
CA MET A 71 -2.92 -21.69 -9.15
C MET A 71 -3.01 -23.20 -9.41
N GLU A 72 -1.85 -23.82 -9.64
CA GLU A 72 -1.81 -25.26 -9.89
C GLU A 72 -2.49 -26.04 -8.77
N ALA A 73 -2.08 -25.77 -7.53
CA ALA A 73 -2.66 -26.46 -6.38
C ALA A 73 -4.19 -26.36 -6.41
N ALA A 86 0.98 -11.21 -18.10
CA ALA A 86 -0.19 -10.48 -18.54
C ALA A 86 -0.48 -9.32 -17.58
N LYS A 87 -1.33 -9.54 -16.58
CA LYS A 87 -1.54 -8.55 -15.55
C LYS A 87 -0.23 -8.28 -14.84
N LEU A 88 0.55 -9.35 -14.65
CA LEU A 88 1.82 -9.25 -13.95
C LEU A 88 2.79 -8.37 -14.73
N ASP A 89 2.77 -8.49 -16.05
CA ASP A 89 3.60 -7.63 -16.91
C ASP A 89 3.22 -6.17 -16.71
N GLY A 90 1.94 -5.89 -16.53
CA GLY A 90 1.47 -4.54 -16.25
C GLY A 90 1.97 -4.00 -14.91
N PHE A 91 2.04 -4.87 -13.92
CA PHE A 91 2.57 -4.46 -12.63
C PHE A 91 4.09 -4.26 -12.70
N LYS A 92 4.77 -5.18 -13.38
CA LYS A 92 6.22 -5.09 -13.53
C LYS A 92 6.64 -3.81 -14.25
N ALA A 93 5.84 -3.41 -15.25
CA ALA A 93 6.15 -2.27 -16.10
C ALA A 93 6.13 -0.94 -15.34
N ALA A 94 5.52 -0.95 -14.16
CA ALA A 94 5.49 0.24 -13.32
C ALA A 94 6.89 0.63 -12.84
N PHE A 95 7.00 1.83 -12.28
CA PHE A 95 8.27 2.31 -11.75
C PHE A 95 8.67 1.59 -10.48
N GLY A 96 7.70 1.29 -9.63
CA GLY A 96 8.01 0.63 -8.38
C GLY A 96 6.81 0.05 -7.68
N THR A 97 7.08 -0.57 -6.53
CA THR A 97 6.08 -1.17 -5.69
C THR A 97 6.41 -0.83 -4.24
N ILE A 98 5.41 -0.34 -3.53
CA ILE A 98 5.53 -0.07 -2.11
C ILE A 98 4.79 -1.16 -1.34
N LEU A 99 5.55 -1.98 -0.62
CA LEU A 99 4.95 -3.06 0.16
C LEU A 99 4.69 -2.57 1.58
N PHE A 100 3.43 -2.62 1.97
CA PHE A 100 2.99 -2.18 3.30
C PHE A 100 2.85 -3.35 4.25
N PHE A 101 3.51 -3.25 5.40
CA PHE A 101 3.44 -4.26 6.44
C PHE A 101 2.96 -3.61 7.74
N GLU A 102 2.47 -4.45 8.66
CA GLU A 102 2.19 -4.02 10.02
C GLU A 102 3.07 -4.80 10.99
N ASP A 103 3.73 -4.09 11.90
CA ASP A 103 4.69 -4.69 12.81
C ASP A 103 3.98 -5.39 13.98
N GLN A 104 3.94 -6.71 13.92
CA GLN A 104 3.20 -7.49 14.90
C GLN A 104 3.86 -7.50 16.28
N ALA A 105 5.15 -7.20 16.34
CA ALA A 105 5.84 -7.13 17.62
C ALA A 105 5.28 -5.98 18.44
N VAL A 106 4.99 -4.87 17.76
CA VAL A 106 4.43 -3.70 18.43
C VAL A 106 2.99 -3.96 18.86
N VAL A 107 2.22 -4.60 17.98
CA VAL A 107 0.85 -4.97 18.31
C VAL A 107 0.83 -5.89 19.54
N LYS A 108 1.69 -6.90 19.55
CA LYS A 108 1.75 -7.83 20.68
C LYS A 108 2.15 -7.12 21.97
N ASN A 109 3.08 -6.17 21.89
CA ASN A 109 3.50 -5.43 23.07
C ASN A 109 2.36 -4.59 23.64
N LEU A 110 1.55 -4.02 22.76
CA LEU A 110 0.38 -3.25 23.19
C LEU A 110 -0.66 -4.16 23.82
N GLN A 111 -0.83 -5.36 23.25
CA GLN A 111 -1.76 -6.34 23.82
C GLN A 111 -1.33 -6.76 25.22
N GLU A 112 -0.01 -6.82 25.43
CA GLU A 112 0.54 -7.20 26.73
C GLU A 112 0.41 -6.07 27.73
N GLN A 113 0.63 -4.84 27.27
CA GLN A 113 0.55 -3.67 28.15
C GLN A 113 -0.91 -3.38 28.54
N PHE A 114 -1.82 -3.64 27.61
CA PHE A 114 -3.25 -3.39 27.84
C PHE A 114 -4.09 -4.62 27.54
N ALA A 115 -4.04 -5.60 28.43
CA ALA A 115 -4.65 -6.91 28.19
C ALA A 115 -6.17 -6.88 27.99
N LEU A 116 -6.85 -5.98 28.68
CA LEU A 116 -8.31 -5.91 28.59
C LEU A 116 -8.77 -5.47 27.21
N TYR A 117 -7.88 -4.84 26.46
CA TYR A 117 -8.20 -4.32 25.14
C TYR A 117 -7.36 -4.97 24.06
N ALA A 118 -6.85 -6.16 24.35
CA ALA A 118 -5.97 -6.87 23.43
C ALA A 118 -6.65 -7.08 22.07
N ASP A 119 -7.96 -7.27 22.07
CA ASP A 119 -8.69 -7.51 20.83
C ASP A 119 -8.69 -6.29 19.91
N ASN A 120 -8.53 -5.10 20.49
CA ASN A 120 -8.61 -3.85 19.74
C ASN A 120 -7.39 -3.60 18.85
N PHE A 121 -6.21 -3.96 19.33
CA PHE A 121 -4.98 -3.55 18.67
C PHE A 121 -4.80 -4.15 17.27
N PRO A 122 -5.12 -5.44 17.10
CA PRO A 122 -5.09 -5.94 15.72
C PRO A 122 -6.05 -5.19 14.80
N VAL A 123 -7.24 -4.86 15.29
CA VAL A 123 -8.21 -4.12 14.49
C VAL A 123 -7.67 -2.73 14.12
N TRP A 124 -7.12 -2.04 15.11
CA TRP A 124 -6.63 -0.68 14.85
C TRP A 124 -5.40 -0.70 13.96
N SER A 125 -4.61 -1.77 14.04
CA SER A 125 -3.47 -1.93 13.15
C SER A 125 -3.91 -2.14 11.71
N GLU A 126 -4.96 -2.93 11.52
CA GLU A 126 -5.50 -3.16 10.20
C GLU A 126 -6.03 -1.85 9.62
N GLN A 127 -6.76 -1.09 10.44
CA GLN A 127 -7.23 0.22 10.03
C GLN A 127 -6.04 1.10 9.68
N GLY A 128 -5.00 1.04 10.49
CA GLY A 128 -3.77 1.79 10.25
C GLY A 128 -3.12 1.50 8.91
N SER A 129 -3.18 0.24 8.48
CA SER A 129 -2.61 -0.13 7.19
C SER A 129 -3.42 0.53 6.06
N GLY A 130 -4.74 0.53 6.19
CA GLY A 130 -5.57 1.20 5.22
C GLY A 130 -5.25 2.68 5.14
N ILE A 131 -5.14 3.29 6.30
CA ILE A 131 -4.84 4.71 6.44
C ILE A 131 -3.54 5.09 5.74
N ILE A 132 -2.44 4.41 6.03
CA ILE A 132 -1.18 4.82 5.42
C ILE A 132 -1.14 4.47 3.95
N SER A 133 -1.80 3.39 3.55
CA SER A 133 -1.83 3.02 2.14
C SER A 133 -2.49 4.09 1.27
N VAL A 134 -3.63 4.61 1.71
CA VAL A 134 -4.35 5.60 0.91
CA VAL A 134 -4.38 5.60 0.96
C VAL A 134 -3.71 6.98 1.02
N ASN A 135 -3.09 7.30 2.16
CA ASN A 135 -2.40 8.56 2.26
C ASN A 135 -1.20 8.59 1.32
N VAL A 136 -0.46 7.50 1.25
CA VAL A 136 0.64 7.41 0.29
C VAL A 136 0.10 7.48 -1.16
N TRP A 137 -0.94 6.71 -1.44
CA TRP A 137 -1.57 6.68 -2.76
C TRP A 137 -1.99 8.09 -3.21
N THR A 138 -2.61 8.84 -2.31
CA THR A 138 -3.08 10.18 -2.63
C THR A 138 -1.92 11.15 -2.81
N ALA A 139 -0.89 11.01 -1.97
CA ALA A 139 0.29 11.84 -2.09
C ALA A 139 0.99 11.64 -3.44
N LEU A 140 1.06 10.40 -3.88
CA LEU A 140 1.64 10.09 -5.18
C LEU A 140 0.81 10.72 -6.29
N ALA A 141 -0.50 10.65 -6.17
CA ALA A 141 -1.38 11.25 -7.17
C ALA A 141 -1.16 12.76 -7.26
N GLU A 142 -0.87 13.40 -6.12
CA GLU A 142 -0.61 14.83 -6.15
C GLU A 142 0.64 15.17 -6.95
N LEU A 143 1.60 14.24 -6.99
CA LEU A 143 2.81 14.41 -7.80
C LEU A 143 2.57 14.07 -9.28
N GLY A 144 1.36 13.64 -9.60
CA GLY A 144 1.01 13.30 -10.97
C GLY A 144 1.26 11.84 -11.31
N LEU A 145 1.60 11.05 -10.31
CA LEU A 145 1.87 9.63 -10.50
C LEU A 145 0.65 8.79 -10.14
N GLY A 146 0.44 7.75 -10.91
CA GLY A 146 -0.66 6.85 -10.67
C GLY A 146 -0.24 5.66 -9.85
N ALA A 147 -1.22 4.93 -9.34
CA ALA A 147 -0.92 3.72 -8.59
C ALA A 147 -2.15 2.81 -8.51
N ASN A 148 -1.90 1.55 -8.18
CA ASN A 148 -2.97 0.61 -7.91
C ASN A 148 -2.54 -0.30 -6.77
N LEU A 149 -3.51 -0.80 -6.01
CA LEU A 149 -3.24 -1.54 -4.78
C LEU A 149 -3.54 -3.02 -4.97
N GLN A 150 -2.52 -3.84 -4.79
CA GLN A 150 -2.65 -5.28 -4.98
C GLN A 150 -2.48 -6.05 -3.67
N HIS A 151 -2.89 -7.32 -3.71
CA HIS A 151 -2.86 -8.19 -2.54
C HIS A 151 -2.44 -9.60 -2.90
N TYR A 152 -1.13 -9.78 -3.03
CA TYR A 152 -0.56 -11.09 -3.31
C TYR A 152 0.02 -11.70 -2.03
N ASN A 153 -0.18 -10.99 -0.92
CA ASN A 153 -0.07 -11.59 0.41
C ASN A 153 -1.26 -12.53 0.62
N PRO A 154 -1.06 -13.62 1.36
CA PRO A 154 0.16 -14.05 2.05
C PRO A 154 1.08 -14.91 1.21
N LEU A 155 0.73 -15.14 -0.06
CA LEU A 155 1.48 -16.04 -0.92
C LEU A 155 2.95 -15.68 -1.07
N ILE A 156 3.24 -14.38 -1.19
CA ILE A 156 4.60 -13.94 -1.45
C ILE A 156 5.38 -13.54 -0.20
N ASP A 157 4.75 -13.62 0.97
CA ASP A 157 5.33 -13.08 2.21
C ASP A 157 6.73 -13.60 2.51
N GLU A 158 6.86 -14.92 2.55
CA GLU A 158 8.12 -15.57 2.89
C GLU A 158 9.26 -15.19 1.94
N ALA A 159 8.98 -15.20 0.63
CA ALA A 159 10.01 -14.92 -0.36
C ALA A 159 10.45 -13.46 -0.27
N VAL A 160 9.50 -12.57 -0.03
CA VAL A 160 9.81 -11.16 0.12
C VAL A 160 10.68 -10.94 1.35
N ALA A 161 10.31 -11.57 2.46
CA ALA A 161 11.05 -11.41 3.70
C ALA A 161 12.50 -11.90 3.56
N LYS A 162 12.67 -13.01 2.86
CA LYS A 162 13.99 -13.58 2.67
C LYS A 162 14.85 -12.70 1.75
N GLU A 163 14.28 -12.29 0.62
CA GLU A 163 15.04 -11.53 -0.37
C GLU A 163 15.55 -10.19 0.19
N TRP A 164 14.71 -9.50 0.96
CA TRP A 164 15.08 -8.18 1.48
C TRP A 164 15.32 -8.20 2.99
N ASN A 165 15.56 -9.40 3.52
CA ASN A 165 16.00 -9.57 4.90
C ASN A 165 15.13 -8.81 5.89
N LEU A 166 13.82 -9.00 5.79
CA LEU A 166 12.87 -8.30 6.65
C LEU A 166 12.65 -9.06 7.95
N PRO A 167 12.34 -8.32 9.03
CA PRO A 167 12.00 -8.98 10.29
C PRO A 167 10.77 -9.87 10.16
N GLU A 168 10.77 -10.98 10.89
CA GLU A 168 9.65 -11.91 10.91
C GLU A 168 8.37 -11.22 11.33
N SER A 169 8.51 -10.18 12.16
CA SER A 169 7.35 -9.50 12.74
C SER A 169 6.61 -8.59 11.76
N TRP A 170 7.19 -8.33 10.59
CA TRP A 170 6.52 -7.51 9.58
C TRP A 170 5.48 -8.34 8.83
N LYS A 171 4.21 -8.01 9.00
CA LYS A 171 3.14 -8.77 8.36
C LYS A 171 2.63 -8.02 7.13
N LEU A 172 2.87 -8.61 5.97
CA LEU A 172 2.54 -7.95 4.70
C LEU A 172 1.03 -7.80 4.55
N ARG A 173 0.60 -6.58 4.20
CA ARG A 173 -0.83 -6.26 4.06
C ARG A 173 -1.25 -5.83 2.66
N GLY A 174 -0.35 -5.25 1.88
CA GLY A 174 -0.72 -4.74 0.57
C GLY A 174 0.49 -4.30 -0.22
N GLN A 175 0.34 -4.18 -1.54
CA GLN A 175 1.42 -3.77 -2.41
C GLN A 175 0.92 -2.71 -3.37
N LEU A 176 1.38 -1.48 -3.16
CA LEU A 176 0.96 -0.37 -3.98
C LEU A 176 1.93 -0.16 -5.14
N VAL A 177 1.48 -0.53 -6.33
CA VAL A 177 2.27 -0.43 -7.55
C VAL A 177 2.09 0.99 -8.08
N PHE A 178 3.18 1.65 -8.44
CA PHE A 178 3.11 3.06 -8.82
C PHE A 178 4.05 3.43 -9.97
N GLY A 179 3.72 4.51 -10.67
CA GLY A 179 4.53 4.97 -11.78
C GLY A 179 3.86 6.09 -12.55
N SER A 180 4.36 6.35 -13.74
CA SER A 180 3.77 7.37 -14.59
C SER A 180 2.43 6.91 -15.13
N ILE A 181 1.49 7.84 -15.28
CA ILE A 181 0.18 7.50 -15.83
C ILE A 181 0.22 7.37 -17.35
N GLU A 182 -0.10 6.18 -17.84
CA GLU A 182 -0.04 5.92 -19.29
C GLU A 182 -1.42 5.78 -19.94
N ALA A 183 -2.47 5.67 -19.12
CA ALA A 183 -3.84 5.72 -19.60
C ALA A 183 -4.73 6.12 -18.45
N PRO A 184 -5.86 6.79 -18.73
CA PRO A 184 -6.71 7.30 -17.65
C PRO A 184 -7.43 6.23 -16.85
N ALA A 185 -7.86 6.60 -15.64
CA ALA A 185 -8.69 5.75 -14.83
C ALA A 185 -9.99 5.42 -15.56
N GLY A 186 -10.58 4.28 -15.20
CA GLY A 186 -11.85 3.89 -15.77
C GLY A 186 -13.00 4.66 -15.15
N GLU A 187 -14.21 4.29 -15.55
CA GLU A 187 -15.41 4.89 -14.97
C GLU A 187 -15.65 4.33 -13.57
N LYS A 188 -16.24 5.15 -12.71
CA LYS A 188 -16.55 4.71 -11.35
C LYS A 188 -17.87 5.33 -10.90
N THR A 189 -18.73 4.50 -10.35
CA THR A 189 -20.02 4.95 -9.84
C THR A 189 -19.98 5.16 -8.34
N PHE A 190 -21.01 5.82 -7.82
CA PHE A 190 -21.14 6.10 -6.41
C PHE A 190 -22.54 5.71 -5.94
N MET A 191 -22.63 5.18 -4.72
CA MET A 191 -23.91 4.94 -4.05
C MET A 191 -24.74 6.21 -3.93
N ASP A 192 -26.05 6.01 -3.73
CA ASP A 192 -26.96 7.08 -3.33
C ASP A 192 -26.58 7.53 -1.91
N ASP A 193 -26.35 8.84 -1.74
CA ASP A 193 -26.09 9.42 -0.40
C ASP A 193 -27.09 8.91 0.64
N ALA A 194 -28.35 8.80 0.25
CA ALA A 194 -29.40 8.48 1.21
C ALA A 194 -29.24 7.08 1.80
N ASP A 195 -28.47 6.22 1.15
CA ASP A 195 -28.27 4.86 1.63
C ASP A 195 -27.04 4.70 2.54
N ARG A 196 -26.22 5.75 2.69
CA ARG A 196 -25.04 5.65 3.54
C ARG A 196 -24.79 6.81 4.50
N PHE A 197 -25.56 7.91 4.38
CA PHE A 197 -25.42 9.01 5.34
C PHE A 197 -26.75 9.32 6.00
N ILE A 198 -26.78 9.30 7.33
CA ILE A 198 -27.91 9.79 8.10
C ILE A 198 -27.44 10.95 8.96
N VAL A 199 -28.17 12.06 8.87
CA VAL A 199 -27.90 13.25 9.68
C VAL A 199 -29.06 13.47 10.63
N ALA A 200 -28.75 13.60 11.91
CA ALA A 200 -29.77 13.84 12.94
C ALA A 200 -29.33 14.96 13.87
N LYS A 201 -30.29 15.76 14.33
CA LYS A 201 -29.97 16.94 15.13
C LYS A 201 -30.35 16.73 16.60
N1 FMN B . -7.62 -3.09 -6.69
C2 FMN B . -6.89 -4.21 -7.36
O2 FMN B . -6.65 -4.18 -8.53
N3 FMN B . -6.49 -5.35 -6.57
C4 FMN B . -6.77 -5.44 -5.24
O4 FMN B . -6.33 -6.34 -4.60
C4A FMN B . -7.49 -4.34 -4.59
N5 FMN B . -7.79 -4.39 -3.35
C5A FMN B . -8.23 -3.14 -2.66
C6 FMN B . -8.24 -3.12 -1.15
C7 FMN B . -8.58 -2.01 -0.52
C7M FMN B . -8.62 -1.98 1.01
C8 FMN B . -8.94 -0.76 -1.30
C8M FMN B . -9.23 0.53 -0.53
C9 FMN B . -8.94 -0.77 -2.63
C9A FMN B . -8.56 -2.04 -3.37
N10 FMN B . -8.55 -2.09 -4.81
C10 FMN B . -7.90 -3.15 -5.40
C1' FMN B . -8.91 -0.93 -5.61
C2' FMN B . -10.42 -0.65 -5.52
O2' FMN B . -11.13 -1.58 -6.29
C3' FMN B . -10.64 0.78 -6.01
O3' FMN B . -10.04 1.59 -5.04
C4' FMN B . -12.14 1.10 -6.14
O4' FMN B . -12.72 0.42 -7.22
C5' FMN B . -12.33 2.61 -6.35
O5' FMN B . -11.66 3.02 -7.52
P FMN B . -10.51 4.19 -7.47
O1P FMN B . -11.06 5.36 -6.80
O2P FMN B . -9.25 3.60 -6.62
O3P FMN B . -10.12 4.53 -9.00
HN3 FMN B . -6.01 -6.10 -7.03
H6 FMN B . -7.95 -4.00 -0.59
HM71 FMN B . -9.65 -1.84 1.34
HM72 FMN B . -8.24 -2.92 1.40
HM73 FMN B . -8.00 -1.16 1.36
HM81 FMN B . -9.34 1.35 -1.22
HM82 FMN B . -10.14 0.40 0.04
HM83 FMN B . -8.40 0.73 0.15
H9 FMN B . -9.22 0.12 -3.19
H1'1 FMN B . -8.38 -0.05 -5.24
H1'2 FMN B . -8.65 -1.11 -6.64
H2' FMN B . -10.74 -0.74 -4.48
HO2' FMN B . -10.66 -2.41 -6.31
H3' FMN B . -10.15 0.91 -6.96
HO3' FMN B . -9.31 2.05 -5.43
H4' FMN B . -12.64 0.81 -5.23
HO4' FMN B . -13.06 -0.41 -6.93
H5'1 FMN B . -13.39 2.82 -6.44
H5'2 FMN B . -11.92 3.14 -5.50
C1 CLM C . -10.93 -11.97 -5.34
CL1 CLM C . -12.57 -12.16 -5.73
CL2 CLM C . -10.65 -11.16 -3.91
C2 CLM C . -10.07 -11.52 -6.47
O2 CLM C . -10.56 -11.21 -7.54
N2 CLM C . -8.68 -11.46 -6.26
C3 CLM C . -7.78 -11.01 -7.32
C4 CLM C . -6.77 -12.07 -7.71
O4 CLM C . -5.52 -11.65 -7.99
C5 CLM C . -7.04 -9.75 -6.93
O5 CLM C . -6.28 -9.97 -5.81
C6 CLM C . -8.01 -8.53 -6.66
C7 CLM C . -8.51 -7.79 -7.71
C8 CLM C . -9.38 -6.69 -7.46
C9 CLM C . -9.74 -6.36 -6.12
N9 CLM C . -10.65 -5.18 -5.81
O9A CLM C . -10.75 -4.77 -4.58
O9B CLM C . -11.28 -4.63 -6.70
C10 CLM C . -9.24 -7.10 -5.07
C11 CLM C . -8.36 -8.20 -5.33
H1 CLM C . -10.63 -12.89 -5.15
HN2 CLM C . -8.33 -11.70 -5.40
H3 CLM C . -8.25 -10.79 -8.12
H41 CLM C . -6.70 -12.74 -6.96
H42 CLM C . -7.11 -12.54 -8.50
HO4 CLM C . -4.95 -12.36 -7.94
H5 CLM C . -6.49 -9.54 -7.66
HO5 CLM C . -5.97 -9.22 -5.51
H7 CLM C . -8.27 -8.01 -8.61
H8 CLM C . -9.74 -6.16 -8.21
H10 CLM C . -9.48 -6.87 -4.18
H11 CLM C . -8.02 -8.71 -4.60
#